data_2D4R
#
_entry.id   2D4R
#
_cell.length_a   56.300
_cell.length_b   86.490
_cell.length_c   109.580
_cell.angle_alpha   90.00
_cell.angle_beta   90.00
_cell.angle_gamma   90.00
#
_symmetry.space_group_name_H-M   'P 21 21 21'
#
loop_
_entity.id
_entity.type
_entity.pdbx_description
1 polymer 'hypothetical protein TTHA0849'
2 non-polymer 'SULFATE ION'
3 water water
#
_entity_poly.entity_id   1
_entity_poly.type   'polypeptide(L)'
_entity_poly.pdbx_seq_one_letter_code
;(MSE)PEVRAERYIPAPPERVYRLAKDLEGLKPYLKEVESLEVVAREGARTRSRWVAVA(MSE)GKKVRWLEEEEWDDEN
LRNRFFSPEGDFDRYEGTWVFLPEGEGTRVVLTLTYELTIPIFGGLLRKLVQKL(MSE)QENVESLLKGLEERVLAASS
;
_entity_poly.pdbx_strand_id   A,B,C,D
#
loop_
_chem_comp.id
_chem_comp.type
_chem_comp.name
_chem_comp.formula
SO4 non-polymer 'SULFATE ION' 'O4 S -2'
#
# COMPACT_ATOMS: atom_id res chain seq x y z
N PRO A 2 22.97 22.84 -13.58
CA PRO A 2 23.33 21.45 -13.86
C PRO A 2 22.26 20.69 -14.66
N GLU A 3 22.62 19.52 -15.16
CA GLU A 3 21.75 18.76 -16.05
C GLU A 3 21.70 17.28 -15.69
N VAL A 4 20.57 16.65 -15.99
CA VAL A 4 20.36 15.22 -15.79
C VAL A 4 19.74 14.67 -17.08
N ARG A 5 19.97 13.40 -17.38
CA ARG A 5 19.29 12.79 -18.50
C ARG A 5 19.05 11.32 -18.26
N ALA A 6 17.84 10.87 -18.59
CA ALA A 6 17.49 9.48 -18.45
C ALA A 6 17.14 8.95 -19.84
N GLU A 7 17.33 7.65 -20.01
CA GLU A 7 17.14 6.98 -21.30
C GLU A 7 16.43 5.67 -21.01
N ARG A 8 15.39 5.35 -21.79
CA ARG A 8 14.63 4.15 -21.51
C ARG A 8 14.00 3.59 -22.78
N TYR A 9 14.07 2.26 -22.94
CA TYR A 9 13.48 1.58 -24.07
C TYR A 9 12.05 1.14 -23.77
N ILE A 10 11.12 1.50 -24.63
CA ILE A 10 9.72 1.09 -24.45
C ILE A 10 9.20 0.29 -25.66
N PRO A 11 8.70 -0.93 -25.40
CA PRO A 11 8.17 -1.78 -26.47
C PRO A 11 6.84 -1.30 -27.07
N ALA A 12 6.93 -0.28 -27.93
CA ALA A 12 5.76 0.28 -28.60
C ALA A 12 6.26 1.32 -29.61
N PRO A 13 5.54 1.49 -30.73
CA PRO A 13 5.97 2.46 -31.73
C PRO A 13 6.08 3.88 -31.20
N PRO A 14 7.13 4.59 -31.61
CA PRO A 14 7.41 5.97 -31.20
C PRO A 14 6.17 6.86 -31.19
N GLU A 15 5.34 6.75 -32.21
CA GLU A 15 4.18 7.63 -32.30
C GLU A 15 3.24 7.37 -31.12
N ARG A 16 3.15 6.11 -30.71
CA ARG A 16 2.25 5.74 -29.63
C ARG A 16 2.84 6.17 -28.29
N VAL A 17 4.13 5.93 -28.08
CA VAL A 17 4.79 6.35 -26.86
C VAL A 17 4.74 7.88 -26.75
N TYR A 18 4.96 8.57 -27.86
CA TYR A 18 4.91 10.01 -27.88
C TYR A 18 3.52 10.50 -27.47
N ARG A 19 2.47 9.90 -28.04
CA ARG A 19 1.11 10.39 -27.78
C ARG A 19 0.66 10.15 -26.34
N LEU A 20 1.09 9.04 -25.76
CA LEU A 20 0.77 8.72 -24.38
C LEU A 20 1.52 9.60 -23.39
N ALA A 21 2.70 10.09 -23.78
CA ALA A 21 3.44 11.01 -22.92
C ALA A 21 2.84 12.42 -22.98
N LYS A 22 2.17 12.71 -24.09
CA LYS A 22 1.61 14.03 -24.33
C LYS A 22 0.34 14.24 -23.51
N ASP A 23 -0.37 13.14 -23.26
CA ASP A 23 -1.53 13.16 -22.39
C ASP A 23 -1.05 13.08 -20.96
N LEU A 24 -0.57 14.22 -20.46
CA LEU A 24 0.09 14.27 -19.15
C LEU A 24 -0.85 13.79 -18.05
N GLU A 25 -2.12 14.15 -18.15
CA GLU A 25 -3.04 13.83 -17.09
C GLU A 25 -3.31 12.33 -17.05
N GLY A 26 -3.31 11.68 -18.21
CA GLY A 26 -3.39 10.24 -18.25
C GLY A 26 -2.11 9.58 -17.78
N LEU A 27 -1.00 10.30 -17.89
CA LEU A 27 0.30 9.76 -17.49
C LEU A 27 0.44 9.85 -15.97
N LYS A 28 -0.19 10.86 -15.38
CA LYS A 28 0.08 11.23 -14.00
C LYS A 28 -0.03 10.09 -12.97
N PRO A 29 -1.06 9.22 -13.09
CA PRO A 29 -1.19 8.12 -12.12
C PRO A 29 -0.03 7.15 -12.03
N TYR A 30 0.84 7.12 -13.04
CA TYR A 30 1.97 6.20 -13.07
C TYR A 30 3.28 6.89 -12.67
N LEU A 31 3.19 8.17 -12.32
CA LEU A 31 4.34 8.93 -11.81
C LEU A 31 4.29 9.00 -10.27
N LYS A 32 5.00 8.09 -9.63
CA LYS A 32 4.82 7.87 -8.22
C LYS A 32 5.37 9.01 -7.39
N GLU A 33 6.28 9.80 -7.95
CA GLU A 33 6.89 10.90 -7.22
C GLU A 33 6.13 12.19 -7.45
N VAL A 34 5.10 12.12 -8.31
CA VAL A 34 4.26 13.27 -8.58
C VAL A 34 2.95 13.15 -7.81
N GLU A 35 2.63 14.21 -7.06
CA GLU A 35 1.43 14.25 -6.23
C GLU A 35 0.25 14.84 -7.01
N SER A 36 0.54 15.88 -7.79
CA SER A 36 -0.50 16.52 -8.60
C SER A 36 0.08 17.05 -9.92
N LEU A 37 -0.64 16.78 -11.01
CA LEU A 37 -0.24 17.31 -12.31
C LEU A 37 -1.50 17.72 -13.06
N GLU A 38 -1.71 19.02 -13.18
CA GLU A 38 -2.91 19.54 -13.83
C GLU A 38 -2.58 20.40 -15.06
N VAL A 39 -3.16 20.02 -16.20
CA VAL A 39 -3.03 20.83 -17.41
C VAL A 39 -3.90 22.09 -17.26
N VAL A 40 -3.26 23.25 -17.19
CA VAL A 40 -3.99 24.49 -16.97
C VAL A 40 -4.40 25.19 -18.28
N ALA A 41 -3.62 25.00 -19.34
CA ALA A 41 -3.91 25.63 -20.63
C ALA A 41 -3.48 24.74 -21.79
N ARG A 42 -4.30 24.71 -22.84
CA ARG A 42 -4.02 23.90 -24.03
C ARG A 42 -4.21 24.80 -25.25
N GLU A 43 -3.18 24.92 -26.09
CA GLU A 43 -3.18 25.90 -27.20
C GLU A 43 -2.27 25.40 -28.31
N GLY A 44 -2.79 25.33 -29.53
CA GLY A 44 -1.98 24.83 -30.63
C GLY A 44 -1.20 23.61 -30.20
N ALA A 45 0.12 23.67 -30.33
CA ALA A 45 0.98 22.54 -30.02
C ALA A 45 1.63 22.64 -28.65
N ARG A 46 1.19 23.61 -27.85
CA ARG A 46 1.73 23.77 -26.50
C ARG A 46 0.67 23.71 -25.41
N THR A 47 1.06 23.18 -24.26
CA THR A 47 0.21 23.24 -23.07
C THR A 47 0.94 23.95 -21.97
N ARG A 48 0.20 24.29 -20.91
CA ARG A 48 0.79 24.74 -19.66
C ARG A 48 0.25 23.82 -18.57
N SER A 49 1.12 23.42 -17.65
CA SER A 49 0.71 22.48 -16.61
C SER A 49 1.31 22.83 -15.25
N ARG A 50 0.59 22.47 -14.19
CA ARG A 50 1.03 22.74 -12.83
C ARG A 50 1.45 21.44 -12.15
N TRP A 51 2.73 21.35 -11.79
CA TRP A 51 3.26 20.14 -11.17
C TRP A 51 3.45 20.34 -9.66
N VAL A 52 3.12 19.31 -8.89
CA VAL A 52 3.61 19.19 -7.54
C VAL A 52 4.27 17.83 -7.39
N ALA A 53 5.54 17.85 -7.04
CA ALA A 53 6.30 16.62 -6.87
C ALA A 53 6.78 16.53 -5.43
N VAL A 54 7.07 15.31 -4.99
CA VAL A 54 7.65 15.14 -3.68
C VAL A 54 9.05 14.56 -3.79
N ALA A 55 9.99 15.20 -3.11
CA ALA A 55 11.31 14.64 -2.91
C ALA A 55 11.65 14.83 -1.43
N MSE A 56 11.93 13.71 -0.75
CA MSE A 56 12.38 13.78 0.65
C MSE A 56 11.33 14.37 1.59
O MSE A 56 11.68 15.07 2.55
CB MSE A 56 13.65 14.61 0.76
CG MSE A 56 14.84 14.05 0.03
SE MSE A 56 16.34 13.92 1.23
CE MSE A 56 15.70 15.04 2.68
N GLY A 57 10.07 14.10 1.32
CA GLY A 57 9.03 14.45 2.27
C GLY A 57 8.43 15.84 2.12
N LYS A 58 9.20 16.79 1.61
CA LYS A 58 8.63 18.10 1.29
C LYS A 58 8.40 18.26 -0.19
N LYS A 59 7.42 19.09 -0.55
CA LYS A 59 6.98 19.16 -1.92
C LYS A 59 7.64 20.31 -2.69
N VAL A 60 7.81 20.08 -3.99
CA VAL A 60 8.37 21.07 -4.89
C VAL A 60 7.31 21.33 -5.96
N ARG A 61 7.00 22.62 -6.19
CA ARG A 61 5.88 23.01 -7.04
C ARG A 61 6.37 23.92 -8.17
N TRP A 62 5.92 23.65 -9.39
CA TRP A 62 6.23 24.55 -10.47
C TRP A 62 5.16 24.54 -11.56
N LEU A 63 5.14 25.61 -12.35
CA LEU A 63 4.35 25.63 -13.56
C LEU A 63 5.29 25.32 -14.72
N GLU A 64 4.78 24.62 -15.73
CA GLU A 64 5.61 24.13 -16.82
C GLU A 64 4.92 24.39 -18.14
N GLU A 65 5.67 24.92 -19.09
CA GLU A 65 5.19 25.09 -20.45
C GLU A 65 5.87 24.04 -21.32
N GLU A 66 5.07 23.24 -22.01
CA GLU A 66 5.62 22.30 -22.98
C GLU A 66 5.15 22.60 -24.39
N GLU A 67 6.11 22.59 -25.32
CA GLU A 67 5.83 22.76 -26.73
C GLU A 67 5.97 21.39 -27.35
N TRP A 68 4.91 20.95 -28.02
CA TRP A 68 4.83 19.61 -28.58
C TRP A 68 5.08 19.64 -30.09
N ASP A 69 6.03 18.82 -30.53
CA ASP A 69 6.32 18.71 -31.95
C ASP A 69 5.78 17.38 -32.49
N ASP A 70 4.53 17.40 -32.94
CA ASP A 70 3.84 16.20 -33.41
C ASP A 70 4.54 15.57 -34.60
N GLU A 71 5.02 16.41 -35.50
CA GLU A 71 5.72 15.94 -36.71
C GLU A 71 6.89 15.03 -36.38
N ASN A 72 7.79 15.52 -35.53
CA ASN A 72 9.05 14.83 -35.27
C ASN A 72 9.09 14.09 -33.94
N LEU A 73 7.93 13.97 -33.28
CA LEU A 73 7.83 13.21 -32.02
C LEU A 73 8.83 13.69 -30.96
N ARG A 74 8.89 15.00 -30.75
CA ARG A 74 9.72 15.60 -29.72
C ARG A 74 8.90 16.65 -28.97
N ASN A 75 9.36 17.01 -27.79
CA ASN A 75 8.76 18.10 -27.02
C ASN A 75 9.86 18.94 -26.39
N ARG A 76 9.56 20.21 -26.13
CA ARG A 76 10.44 21.06 -25.34
C ARG A 76 9.62 21.66 -24.20
N PHE A 77 10.23 21.77 -23.01
CA PHE A 77 9.52 22.33 -21.87
C PHE A 77 10.40 23.29 -21.06
N PHE A 78 9.75 24.20 -20.36
CA PHE A 78 10.46 25.23 -19.61
C PHE A 78 9.51 25.69 -18.50
N SER A 79 10.05 25.95 -17.31
CA SER A 79 9.24 26.49 -16.22
C SER A 79 9.45 28.00 -16.10
N PRO A 80 8.38 28.79 -16.30
CA PRO A 80 8.44 30.25 -16.22
C PRO A 80 8.28 30.73 -14.77
N GLU A 81 7.73 29.85 -13.93
CA GLU A 81 7.56 30.17 -12.52
C GLU A 81 7.39 28.92 -11.65
N GLY A 82 7.71 29.08 -10.38
CA GLY A 82 7.63 27.96 -9.47
C GLY A 82 8.83 27.95 -8.56
N ASP A 83 9.17 26.79 -8.03
CA ASP A 83 10.25 26.66 -7.05
C ASP A 83 11.66 26.61 -7.66
N PHE A 84 11.76 26.18 -8.91
CA PHE A 84 13.04 26.16 -9.60
C PHE A 84 13.33 27.53 -10.22
N ASP A 85 14.59 27.94 -10.19
CA ASP A 85 15.00 29.10 -10.97
C ASP A 85 15.02 28.71 -12.42
N ARG A 86 15.30 27.45 -12.67
CA ARG A 86 15.34 26.93 -14.02
C ARG A 86 14.90 25.47 -14.01
N TYR A 87 13.99 25.14 -14.93
CA TYR A 87 13.53 23.78 -15.10
C TYR A 87 13.09 23.56 -16.53
N GLU A 88 13.95 22.94 -17.32
CA GLU A 88 13.74 22.88 -18.76
C GLU A 88 14.46 21.69 -19.39
N GLY A 89 14.01 21.33 -20.59
CA GLY A 89 14.61 20.20 -21.25
C GLY A 89 13.81 19.69 -22.42
N THR A 90 14.01 18.43 -22.77
CA THR A 90 13.33 17.89 -23.92
C THR A 90 12.96 16.45 -23.63
N TRP A 91 11.82 16.02 -24.16
CA TRP A 91 11.53 14.61 -24.34
C TRP A 91 11.65 14.30 -25.84
N VAL A 92 12.45 13.30 -26.20
CA VAL A 92 12.51 12.85 -27.59
C VAL A 92 12.26 11.35 -27.68
N PHE A 93 11.63 10.95 -28.77
CA PHE A 93 11.20 9.58 -28.92
C PHE A 93 11.79 9.02 -30.20
N LEU A 94 12.76 8.14 -30.03
CA LEU A 94 13.56 7.66 -31.14
C LEU A 94 13.21 6.23 -31.50
N PRO A 95 13.26 5.89 -32.80
CA PRO A 95 12.94 4.52 -33.20
C PRO A 95 14.06 3.59 -32.78
N GLU A 96 13.69 2.52 -32.07
CA GLU A 96 14.62 1.46 -31.72
C GLU A 96 13.90 0.12 -31.87
N GLY A 97 13.87 -0.40 -33.09
CA GLY A 97 13.05 -1.57 -33.38
C GLY A 97 11.60 -1.16 -33.56
N GLU A 98 10.68 -2.09 -33.40
CA GLU A 98 9.25 -1.75 -33.36
C GLU A 98 8.97 -1.01 -32.07
N GLY A 99 10.03 -0.49 -31.47
CA GLY A 99 9.92 0.10 -30.14
C GLY A 99 10.53 1.47 -30.10
N THR A 100 10.59 2.03 -28.91
CA THR A 100 10.98 3.43 -28.73
C THR A 100 12.11 3.59 -27.72
N ARG A 101 13.17 4.28 -28.14
CA ARG A 101 14.14 4.75 -27.17
C ARG A 101 13.76 6.17 -26.76
N VAL A 102 13.27 6.30 -25.52
CA VAL A 102 12.87 7.60 -25.01
C VAL A 102 14.02 8.25 -24.27
N VAL A 103 14.32 9.50 -24.65
CA VAL A 103 15.39 10.25 -24.01
C VAL A 103 14.86 11.52 -23.36
N LEU A 104 15.14 11.65 -22.06
CA LEU A 104 14.65 12.79 -21.29
C LEU A 104 15.83 13.58 -20.72
N THR A 105 15.92 14.84 -21.12
CA THR A 105 17.03 15.68 -20.71
C THR A 105 16.48 16.86 -19.92
N LEU A 106 17.06 17.11 -18.75
CA LEU A 106 16.55 18.11 -17.82
C LEU A 106 17.66 19.00 -17.25
N THR A 107 17.62 20.29 -17.60
CA THR A 107 18.47 21.28 -16.98
C THR A 107 17.67 22.00 -15.91
N TYR A 108 18.19 22.02 -14.69
CA TYR A 108 17.49 22.64 -13.59
C TYR A 108 18.44 23.51 -12.77
N GLU A 109 17.89 24.49 -12.09
CA GLU A 109 18.63 25.23 -11.08
C GLU A 109 17.73 25.49 -9.90
N LEU A 110 18.20 25.08 -8.72
CA LEU A 110 17.44 25.19 -7.49
C LEU A 110 18.30 25.95 -6.48
N THR A 111 17.95 27.19 -6.16
CA THR A 111 18.70 27.91 -5.13
C THR A 111 18.26 27.51 -3.73
N ILE A 112 19.23 27.04 -2.94
CA ILE A 112 19.01 26.63 -1.56
C ILE A 112 19.84 27.49 -0.63
N PRO A 113 19.19 28.23 0.28
CA PRO A 113 19.93 29.09 1.21
C PRO A 113 20.99 28.30 2.00
N ILE A 114 22.25 28.77 1.95
CA ILE A 114 23.37 28.21 2.74
C ILE A 114 23.95 26.87 2.27
N PHE A 115 23.10 25.91 1.94
CA PHE A 115 23.52 24.52 1.73
C PHE A 115 23.57 24.08 0.28
N GLY A 116 23.32 25.02 -0.63
CA GLY A 116 23.25 24.69 -2.06
C GLY A 116 24.49 24.08 -2.68
N GLY A 117 25.68 24.33 -2.15
CA GLY A 117 26.88 23.75 -2.74
C GLY A 117 27.28 22.44 -2.06
N LEU A 118 26.97 22.36 -0.78
CA LEU A 118 27.27 21.21 0.03
C LEU A 118 26.43 19.99 -0.35
N LEU A 119 25.21 20.24 -0.80
CA LEU A 119 24.26 19.17 -1.14
C LEU A 119 24.05 19.08 -2.64
N ARG A 120 24.98 19.65 -3.41
CA ARG A 120 24.87 19.73 -4.86
C ARG A 120 24.78 18.37 -5.52
N LYS A 121 25.47 17.39 -4.96
CA LYS A 121 25.51 16.07 -5.55
C LYS A 121 24.26 15.25 -5.19
N LEU A 122 23.79 15.38 -3.96
CA LEU A 122 22.56 14.75 -3.55
C LEU A 122 21.39 15.27 -4.39
N VAL A 123 21.26 16.60 -4.49
CA VAL A 123 20.27 17.21 -5.37
C VAL A 123 20.35 16.60 -6.76
N GLN A 124 21.58 16.48 -7.26
CA GLN A 124 21.80 15.93 -8.59
C GLN A 124 21.17 14.54 -8.70
N LYS A 125 21.50 13.67 -7.75
CA LYS A 125 21.01 12.31 -7.77
C LYS A 125 19.49 12.25 -7.66
N LEU A 126 18.91 13.03 -6.74
CA LEU A 126 17.46 13.15 -6.68
C LEU A 126 16.85 13.54 -8.05
N MSE A 127 17.46 14.48 -8.76
CA MSE A 127 16.92 14.89 -10.06
C MSE A 127 17.14 13.79 -11.08
O MSE A 127 16.47 13.73 -12.11
CB MSE A 127 17.57 16.18 -10.56
CG MSE A 127 17.19 17.44 -9.77
SE MSE A 127 15.28 17.92 -9.83
CE MSE A 127 14.79 17.42 -8.06
N GLN A 128 18.10 12.92 -10.82
CA GLN A 128 18.34 11.79 -11.72
C GLN A 128 17.26 10.75 -11.50
N GLU A 129 16.92 10.51 -10.24
CA GLU A 129 15.93 9.52 -9.91
C GLU A 129 14.59 9.99 -10.46
N ASN A 130 14.31 11.28 -10.31
CA ASN A 130 13.04 11.82 -10.75
C ASN A 130 12.79 11.62 -12.24
N VAL A 131 13.77 11.92 -13.09
CA VAL A 131 13.57 11.72 -14.53
C VAL A 131 13.62 10.26 -14.97
N GLU A 132 14.42 9.44 -14.30
CA GLU A 132 14.40 8.00 -14.53
C GLU A 132 13.02 7.43 -14.22
N SER A 133 12.41 7.92 -13.14
CA SER A 133 11.09 7.47 -12.71
C SER A 133 9.97 8.01 -13.61
N LEU A 134 10.15 9.22 -14.12
CA LEU A 134 9.18 9.75 -15.04
C LEU A 134 9.10 8.83 -16.26
N LEU A 135 10.22 8.23 -16.60
CA LEU A 135 10.29 7.37 -17.79
C LEU A 135 9.82 5.94 -17.53
N LYS A 136 10.09 5.44 -16.33
CA LYS A 136 9.60 4.12 -15.96
C LYS A 136 8.09 4.19 -15.80
N GLY A 137 7.60 5.33 -15.33
CA GLY A 137 6.17 5.55 -15.25
C GLY A 137 5.51 5.63 -16.62
N LEU A 138 6.24 6.15 -17.61
CA LEU A 138 5.70 6.20 -18.97
C LEU A 138 5.66 4.78 -19.57
N GLU A 139 6.66 3.97 -19.24
CA GLU A 139 6.67 2.55 -19.61
C GLU A 139 5.39 1.90 -19.15
N GLU A 140 5.00 2.22 -17.92
CA GLU A 140 3.87 1.58 -17.29
C GLU A 140 2.55 2.12 -17.80
N ARG A 141 2.60 3.32 -18.38
CA ARG A 141 1.40 3.89 -18.98
C ARG A 141 1.17 3.14 -20.28
N VAL A 142 2.25 2.97 -21.04
CA VAL A 142 2.16 2.45 -22.40
C VAL A 142 1.72 0.98 -22.38
N LEU A 143 2.20 0.23 -21.38
CA LEU A 143 1.71 -1.12 -21.13
C LEU A 143 0.24 -1.14 -20.71
N ALA A 144 -0.14 -0.26 -19.78
CA ALA A 144 -1.52 -0.20 -19.33
C ALA A 144 -2.47 0.08 -20.49
N ALA A 145 -2.17 1.12 -21.26
CA ALA A 145 -3.04 1.49 -22.37
C ALA A 145 -2.97 0.50 -23.54
N SER A 146 -2.03 -0.45 -23.49
CA SER A 146 -1.84 -1.38 -24.59
C SER A 146 -2.70 -2.65 -24.57
N SER A 147 -3.48 -2.84 -23.52
CA SER A 147 -4.28 -4.06 -23.41
C SER A 147 -5.68 -3.88 -23.97
N PRO B 2 1.96 17.55 4.63
CA PRO B 2 2.45 16.21 4.26
C PRO B 2 1.46 15.41 3.39
N GLU B 3 1.96 14.34 2.77
CA GLU B 3 1.18 13.61 1.77
C GLU B 3 1.10 12.11 2.09
N VAL B 4 -0.08 11.54 1.91
CA VAL B 4 -0.27 10.09 2.08
C VAL B 4 -0.86 9.55 0.78
N ARG B 5 -0.57 8.28 0.49
CA ARG B 5 -1.22 7.60 -0.61
C ARG B 5 -1.49 6.14 -0.32
N ALA B 6 -2.68 5.70 -0.66
CA ALA B 6 -3.05 4.30 -0.54
C ALA B 6 -3.38 3.75 -1.92
N GLU B 7 -3.06 2.48 -2.13
CA GLU B 7 -3.31 1.80 -3.39
C GLU B 7 -4.02 0.47 -3.07
N ARG B 8 -5.05 0.13 -3.84
CA ARG B 8 -5.83 -1.07 -3.57
C ARG B 8 -6.47 -1.66 -4.83
N TYR B 9 -6.33 -2.97 -5.00
CA TYR B 9 -6.96 -3.65 -6.11
C TYR B 9 -8.36 -4.09 -5.75
N ILE B 10 -9.32 -3.80 -6.63
CA ILE B 10 -10.69 -4.22 -6.43
C ILE B 10 -11.21 -5.01 -7.63
N PRO B 11 -11.72 -6.22 -7.38
CA PRO B 11 -12.24 -7.10 -8.44
C PRO B 11 -13.56 -6.63 -9.05
N ALA B 12 -13.46 -5.66 -9.93
CA ALA B 12 -14.62 -5.14 -10.65
C ALA B 12 -14.13 -4.12 -11.68
N PRO B 13 -14.88 -3.94 -12.77
CA PRO B 13 -14.44 -2.97 -13.78
C PRO B 13 -14.30 -1.54 -13.24
N PRO B 14 -13.27 -0.81 -13.69
CA PRO B 14 -13.02 0.58 -13.26
C PRO B 14 -14.25 1.49 -13.26
N GLU B 15 -15.09 1.38 -14.28
CA GLU B 15 -16.28 2.21 -14.39
C GLU B 15 -17.23 1.94 -13.23
N ARG B 16 -17.30 0.66 -12.84
CA ARG B 16 -18.15 0.26 -11.73
C ARG B 16 -17.60 0.73 -10.40
N VAL B 17 -16.30 0.51 -10.17
CA VAL B 17 -15.68 0.96 -8.93
C VAL B 17 -15.78 2.48 -8.85
N TYR B 18 -15.48 3.15 -9.96
CA TYR B 18 -15.53 4.60 -10.01
C TYR B 18 -16.91 5.08 -9.58
N ARG B 19 -17.96 4.47 -10.13
CA ARG B 19 -19.33 4.94 -9.93
C ARG B 19 -19.79 4.76 -8.48
N LEU B 20 -19.37 3.66 -7.86
CA LEU B 20 -19.78 3.36 -6.50
C LEU B 20 -19.01 4.24 -5.51
N ALA B 21 -17.83 4.74 -5.91
CA ALA B 21 -17.10 5.66 -5.04
C ALA B 21 -17.69 7.06 -5.13
N LYS B 22 -18.36 7.34 -6.25
CA LYS B 22 -18.94 8.65 -6.51
C LYS B 22 -20.21 8.86 -5.69
N ASP B 23 -20.95 7.76 -5.46
CA ASP B 23 -22.10 7.76 -4.56
C ASP B 23 -21.60 7.71 -3.10
N LEU B 24 -21.11 8.85 -2.63
CA LEU B 24 -20.48 8.93 -1.33
C LEU B 24 -21.40 8.46 -0.21
N GLU B 25 -22.68 8.78 -0.31
CA GLU B 25 -23.60 8.45 0.76
C GLU B 25 -23.82 6.95 0.82
N GLY B 26 -23.83 6.31 -0.34
CA GLY B 26 -23.91 4.86 -0.40
C GLY B 26 -22.66 4.18 0.11
N LEU B 27 -21.54 4.91 0.01
CA LEU B 27 -20.24 4.40 0.42
C LEU B 27 -20.10 4.53 1.94
N LYS B 28 -20.75 5.54 2.50
CA LYS B 28 -20.53 5.93 3.89
C LYS B 28 -20.63 4.80 4.93
N PRO B 29 -21.62 3.90 4.78
CA PRO B 29 -21.77 2.81 5.75
C PRO B 29 -20.63 1.80 5.81
N TYR B 30 -19.75 1.79 4.82
CA TYR B 30 -18.60 0.88 4.85
C TYR B 30 -17.32 1.58 5.26
N LEU B 31 -17.43 2.87 5.57
CA LEU B 31 -16.30 3.65 6.09
C LEU B 31 -16.37 3.69 7.61
N LYS B 32 -15.61 2.82 8.26
CA LYS B 32 -15.71 2.63 9.71
C LYS B 32 -15.20 3.82 10.53
N GLU B 33 -14.32 4.62 9.93
CA GLU B 33 -13.70 5.73 10.65
C GLU B 33 -14.45 7.05 10.38
N VAL B 34 -15.42 6.99 9.47
CA VAL B 34 -16.29 8.13 9.20
C VAL B 34 -17.61 8.01 9.95
N GLU B 35 -17.94 9.03 10.73
CA GLU B 35 -19.14 9.04 11.56
C GLU B 35 -20.33 9.63 10.83
N SER B 36 -20.07 10.63 9.99
CA SER B 36 -21.11 11.25 9.19
C SER B 36 -20.55 11.75 7.86
N LEU B 37 -21.25 11.45 6.78
CA LEU B 37 -20.91 12.00 5.48
C LEU B 37 -22.19 12.38 4.74
N GLU B 38 -22.36 13.68 4.55
CA GLU B 38 -23.56 14.20 3.92
C GLU B 38 -23.22 15.00 2.66
N VAL B 39 -23.80 14.63 1.54
CA VAL B 39 -23.65 15.39 0.31
C VAL B 39 -24.55 16.61 0.42
N VAL B 40 -23.96 17.80 0.50
CA VAL B 40 -24.71 19.02 0.74
C VAL B 40 -25.19 19.67 -0.57
N ALA B 41 -24.61 19.24 -1.68
CA ALA B 41 -25.04 19.72 -2.99
C ALA B 41 -24.45 18.86 -4.08
N ARG B 42 -25.06 18.91 -5.26
CA ARG B 42 -24.56 18.21 -6.42
C ARG B 42 -24.98 18.98 -7.67
N GLU B 43 -23.99 19.37 -8.48
CA GLU B 43 -24.23 20.28 -9.60
C GLU B 43 -23.48 19.81 -10.83
N GLY B 44 -24.17 19.05 -11.68
CA GLY B 44 -23.49 18.46 -12.83
C GLY B 44 -22.37 17.57 -12.35
N ALA B 45 -21.14 17.91 -12.73
CA ALA B 45 -20.00 17.02 -12.52
C ALA B 45 -19.27 17.27 -11.21
N ARG B 46 -19.95 17.91 -10.24
CA ARG B 46 -19.30 18.18 -8.98
C ARG B 46 -20.20 18.22 -7.75
N THR B 47 -19.58 17.96 -6.60
CA THR B 47 -20.29 17.76 -5.36
C THR B 47 -19.63 18.56 -4.23
N ARG B 48 -20.43 18.94 -3.24
CA ARG B 48 -19.91 19.40 -1.97
C ARG B 48 -20.43 18.48 -0.87
N SER B 49 -19.57 18.13 0.08
CA SER B 49 -19.94 17.17 1.12
C SER B 49 -19.35 17.56 2.46
N ARG B 50 -20.04 17.17 3.52
CA ARG B 50 -19.63 17.51 4.88
C ARG B 50 -19.20 16.22 5.59
N TRP B 51 -17.92 16.10 5.93
CA TRP B 51 -17.39 14.90 6.56
C TRP B 51 -17.16 15.11 8.05
N VAL B 52 -17.46 14.07 8.83
CA VAL B 52 -16.99 13.99 10.20
C VAL B 52 -16.33 12.63 10.43
N ALA B 53 -15.04 12.66 10.72
CA ALA B 53 -14.28 11.44 10.93
C ALA B 53 -13.78 11.38 12.36
N VAL B 54 -13.53 10.17 12.84
CA VAL B 54 -12.95 10.03 14.16
C VAL B 54 -11.56 9.44 14.09
N ALA B 55 -10.64 10.09 14.77
CA ALA B 55 -9.31 9.55 14.95
C ALA B 55 -9.00 9.73 16.43
N MSE B 56 -8.73 8.63 17.13
CA MSE B 56 -8.27 8.69 18.50
C MSE B 56 -9.28 9.30 19.47
O MSE B 56 -8.91 9.97 20.43
CB MSE B 56 -6.98 9.51 18.57
CG MSE B 56 -5.78 8.80 17.99
SE MSE B 56 -4.28 9.06 19.12
CE MSE B 56 -5.19 8.82 20.82
N GLY B 57 -10.56 9.05 19.20
CA GLY B 57 -11.58 9.42 20.18
C GLY B 57 -12.20 10.79 19.99
N LYS B 58 -11.45 11.75 19.46
CA LYS B 58 -12.03 13.05 19.12
C LYS B 58 -12.25 13.17 17.62
N LYS B 59 -13.20 14.04 17.24
CA LYS B 59 -13.64 14.11 15.87
C LYS B 59 -12.95 15.23 15.10
N VAL B 60 -12.72 14.98 13.81
CA VAL B 60 -12.29 16.02 12.90
C VAL B 60 -13.36 16.22 11.83
N ARG B 61 -13.70 17.49 11.58
CA ARG B 61 -14.81 17.86 10.70
C ARG B 61 -14.35 18.76 9.55
N TRP B 62 -14.80 18.48 8.34
CA TRP B 62 -14.47 19.34 7.23
C TRP B 62 -15.52 19.33 6.13
N LEU B 63 -15.55 20.39 5.34
CA LEU B 63 -16.33 20.45 4.13
C LEU B 63 -15.39 20.10 2.99
N GLU B 64 -15.91 19.38 1.99
CA GLU B 64 -15.10 18.92 0.90
C GLU B 64 -15.79 19.14 -0.45
N GLU B 65 -15.03 19.62 -1.41
CA GLU B 65 -15.54 19.78 -2.76
C GLU B 65 -14.84 18.74 -3.62
N GLU B 66 -15.62 17.91 -4.29
CA GLU B 66 -15.05 16.97 -5.26
C GLU B 66 -15.51 17.25 -6.68
N GLU B 67 -14.56 17.20 -7.60
CA GLU B 67 -14.83 17.34 -9.02
C GLU B 67 -14.66 15.96 -9.64
N TRP B 68 -15.72 15.50 -10.30
CA TRP B 68 -15.76 14.16 -10.85
C TRP B 68 -15.52 14.21 -12.35
N ASP B 69 -14.54 13.45 -12.82
CA ASP B 69 -14.26 13.31 -14.24
C ASP B 69 -14.78 11.95 -14.75
N ASP B 70 -16.05 11.92 -15.14
CA ASP B 70 -16.69 10.69 -15.59
C ASP B 70 -16.00 10.07 -16.78
N GLU B 71 -15.52 10.91 -17.68
CA GLU B 71 -14.86 10.45 -18.90
C GLU B 71 -13.65 9.59 -18.57
N ASN B 72 -12.78 10.08 -17.68
CA ASN B 72 -11.51 9.38 -17.44
C ASN B 72 -11.45 8.65 -16.10
N LEU B 73 -12.58 8.57 -15.41
CA LEU B 73 -12.68 7.81 -14.15
C LEU B 73 -11.65 8.31 -13.14
N ARG B 74 -11.65 9.61 -12.90
CA ARG B 74 -10.79 10.24 -11.89
C ARG B 74 -11.60 11.31 -11.20
N ASN B 75 -11.15 11.72 -10.02
CA ASN B 75 -11.83 12.76 -9.27
C ASN B 75 -10.75 13.61 -8.60
N ARG B 76 -11.07 14.86 -8.33
CA ARG B 76 -10.19 15.73 -7.57
C ARG B 76 -11.03 16.36 -6.47
N PHE B 77 -10.45 16.49 -5.28
CA PHE B 77 -11.15 17.08 -4.13
C PHE B 77 -10.26 18.04 -3.36
N PHE B 78 -10.90 18.94 -2.60
CA PHE B 78 -10.21 19.92 -1.80
C PHE B 78 -11.19 20.42 -0.75
N SER B 79 -10.67 20.78 0.42
CA SER B 79 -11.52 21.27 1.48
C SER B 79 -11.31 22.77 1.56
N PRO B 80 -12.39 23.54 1.41
CA PRO B 80 -12.30 25.00 1.46
C PRO B 80 -12.44 25.51 2.90
N GLU B 81 -12.98 24.66 3.76
CA GLU B 81 -13.13 25.00 5.17
C GLU B 81 -13.33 23.78 6.04
N GLY B 82 -13.07 23.93 7.33
CA GLY B 82 -13.12 22.79 8.22
C GLY B 82 -11.91 22.79 9.12
N ASP B 83 -11.57 21.62 9.65
CA ASP B 83 -10.52 21.51 10.65
C ASP B 83 -9.11 21.47 10.07
N PHE B 84 -8.97 21.04 8.81
CA PHE B 84 -7.66 21.03 8.17
C PHE B 84 -7.41 22.40 7.53
N ASP B 85 -6.16 22.84 7.54
CA ASP B 85 -5.76 24.00 6.75
C ASP B 85 -5.79 23.60 5.29
N ARG B 86 -5.39 22.36 5.03
CA ARG B 86 -5.42 21.82 3.68
C ARG B 86 -5.85 20.37 3.73
N TYR B 87 -6.72 19.99 2.81
CA TYR B 87 -7.13 18.61 2.69
C TYR B 87 -7.57 18.39 1.25
N GLU B 88 -6.70 17.77 0.46
CA GLU B 88 -6.96 17.65 -0.97
C GLU B 88 -6.20 16.48 -1.57
N GLY B 89 -6.65 16.05 -2.74
CA GLY B 89 -6.02 14.94 -3.40
C GLY B 89 -6.84 14.43 -4.57
N THR B 90 -6.59 13.19 -4.95
CA THR B 90 -7.25 12.66 -6.10
C THR B 90 -7.59 11.21 -5.82
N TRP B 91 -8.75 10.80 -6.32
CA TRP B 91 -9.05 9.38 -6.50
C TRP B 91 -8.89 9.05 -7.98
N VAL B 92 -8.15 8.00 -8.29
CA VAL B 92 -8.06 7.55 -9.68
C VAL B 92 -8.37 6.06 -9.74
N PHE B 93 -8.95 5.64 -10.85
CA PHE B 93 -9.34 4.26 -11.04
C PHE B 93 -8.71 3.69 -12.31
N LEU B 94 -7.73 2.81 -12.12
CA LEU B 94 -6.90 2.34 -13.21
C LEU B 94 -7.21 0.90 -13.56
N PRO B 95 -7.16 0.54 -14.87
CA PRO B 95 -7.44 -0.83 -15.27
C PRO B 95 -6.28 -1.70 -14.88
N GLU B 96 -6.54 -2.72 -14.07
CA GLU B 96 -5.52 -3.70 -13.76
C GLU B 96 -6.06 -5.08 -14.10
N GLY B 97 -5.71 -5.55 -15.29
CA GLY B 97 -6.31 -6.77 -15.80
C GLY B 97 -7.81 -6.58 -15.87
N GLU B 98 -8.53 -7.49 -15.22
CA GLU B 98 -9.98 -7.49 -15.26
C GLU B 98 -10.55 -6.50 -14.25
N GLY B 99 -9.69 -5.97 -13.38
CA GLY B 99 -10.19 -5.22 -12.24
C GLY B 99 -9.72 -3.79 -12.19
N THR B 100 -9.89 -3.16 -11.03
CA THR B 100 -9.45 -1.80 -10.83
C THR B 100 -8.32 -1.69 -9.80
N ARG B 101 -7.26 -0.99 -10.17
CA ARG B 101 -6.30 -0.53 -9.18
C ARG B 101 -6.69 0.90 -8.81
N VAL B 102 -7.18 1.07 -7.58
CA VAL B 102 -7.60 2.38 -7.11
C VAL B 102 -6.45 3.05 -6.37
N VAL B 103 -6.18 4.30 -6.74
CA VAL B 103 -5.12 5.07 -6.13
C VAL B 103 -5.69 6.31 -5.46
N LEU B 104 -5.42 6.45 -4.16
CA LEU B 104 -5.94 7.58 -3.42
C LEU B 104 -4.77 8.39 -2.87
N THR B 105 -4.68 9.64 -3.30
CA THR B 105 -3.59 10.51 -2.88
C THR B 105 -4.16 11.68 -2.08
N LEU B 106 -3.53 11.96 -0.94
CA LEU B 106 -4.05 12.95 -0.01
C LEU B 106 -2.91 13.84 0.49
N THR B 107 -3.00 15.13 0.18
CA THR B 107 -2.13 16.11 0.80
C THR B 107 -2.96 16.86 1.86
N TYR B 108 -2.47 16.85 3.10
CA TYR B 108 -3.20 17.49 4.20
C TYR B 108 -2.27 18.37 5.03
N GLU B 109 -2.86 19.35 5.69
CA GLU B 109 -2.13 20.11 6.69
C GLU B 109 -3.06 20.34 7.87
N LEU B 110 -2.56 20.03 9.06
CA LEU B 110 -3.33 20.15 10.28
C LEU B 110 -2.48 20.89 11.31
N THR B 111 -2.79 22.16 11.57
CA THR B 111 -2.06 22.89 12.59
C THR B 111 -2.51 22.51 13.99
N ILE B 112 -1.53 22.11 14.80
CA ILE B 112 -1.77 21.67 16.17
C ILE B 112 -0.93 22.53 17.13
N PRO B 113 -1.60 23.27 18.03
CA PRO B 113 -0.87 24.13 18.97
C PRO B 113 0.18 23.32 19.75
N ILE B 114 1.43 23.80 19.76
CA ILE B 114 2.51 23.20 20.55
C ILE B 114 3.06 21.83 20.11
N PHE B 115 2.17 20.85 19.95
CA PHE B 115 2.57 19.45 19.75
C PHE B 115 2.67 19.00 18.28
N GLY B 116 2.44 19.92 17.34
CA GLY B 116 2.48 19.56 15.93
C GLY B 116 3.74 18.90 15.42
N GLY B 117 4.89 19.24 15.98
CA GLY B 117 6.12 18.62 15.55
C GLY B 117 6.37 17.26 16.21
N LEU B 118 6.02 17.15 17.49
CA LEU B 118 6.30 15.93 18.23
C LEU B 118 5.46 14.75 17.75
N LEU B 119 4.32 15.04 17.14
CA LEU B 119 3.40 13.97 16.76
C LEU B 119 3.25 13.82 15.26
N ARG B 120 4.09 14.49 14.49
CA ARG B 120 3.99 14.46 13.03
C ARG B 120 3.83 13.01 12.57
N LYS B 121 4.60 12.13 13.20
CA LYS B 121 4.71 10.76 12.74
C LYS B 121 3.44 9.97 13.06
N LEU B 122 2.82 10.27 14.20
CA LEU B 122 1.57 9.63 14.57
C LEU B 122 0.36 10.18 13.79
N VAL B 123 0.33 11.49 13.52
CA VAL B 123 -0.71 12.06 12.66
C VAL B 123 -0.63 11.51 11.24
N GLN B 124 0.60 11.25 10.78
CA GLN B 124 0.81 10.65 9.46
C GLN B 124 0.22 9.27 9.41
N LYS B 125 0.55 8.46 10.41
CA LYS B 125 0.10 7.10 10.41
C LYS B 125 -1.42 7.04 10.43
N LEU B 126 -2.02 7.92 11.23
CA LEU B 126 -3.48 7.98 11.32
C LEU B 126 -4.08 8.37 9.96
N MSE B 127 -3.56 9.43 9.35
CA MSE B 127 -4.01 9.80 8.02
C MSE B 127 -3.90 8.61 7.05
O MSE B 127 -4.86 8.24 6.37
CB MSE B 127 -3.20 10.98 7.49
CG MSE B 127 -3.46 12.27 8.24
SE MSE B 127 -5.32 12.83 8.20
CE MSE B 127 -5.87 12.25 9.97
N GLN B 128 -2.73 7.99 7.02
CA GLN B 128 -2.49 6.79 6.24
C GLN B 128 -3.56 5.72 6.44
N GLU B 129 -3.98 5.51 7.69
CA GLU B 129 -4.91 4.45 8.01
C GLU B 129 -6.31 4.83 7.56
N ASN B 130 -6.55 6.14 7.55
CA ASN B 130 -7.83 6.68 7.11
C ASN B 130 -8.08 6.39 5.62
N VAL B 131 -7.11 6.73 4.77
CA VAL B 131 -7.30 6.54 3.34
C VAL B 131 -7.26 5.07 2.93
N GLU B 132 -6.58 4.25 3.71
CA GLU B 132 -6.55 2.83 3.43
C GLU B 132 -7.86 2.14 3.80
N SER B 133 -8.50 2.58 4.88
CA SER B 133 -9.79 2.03 5.25
C SER B 133 -10.88 2.69 4.42
N LEU B 134 -10.54 3.84 3.84
CA LEU B 134 -11.37 4.47 2.83
C LEU B 134 -11.45 3.56 1.61
N LEU B 135 -10.33 2.95 1.24
CA LEU B 135 -10.27 2.08 0.07
C LEU B 135 -10.81 0.68 0.33
N LYS B 136 -10.74 0.23 1.58
CA LYS B 136 -11.20 -1.12 1.90
C LYS B 136 -12.72 -1.10 2.02
N GLY B 137 -13.25 0.01 2.49
CA GLY B 137 -14.69 0.16 2.61
C GLY B 137 -15.29 0.40 1.24
N LEU B 138 -14.46 0.84 0.29
CA LEU B 138 -14.91 0.92 -1.09
C LEU B 138 -15.02 -0.49 -1.64
N GLU B 139 -13.96 -1.29 -1.49
CA GLU B 139 -14.00 -2.66 -1.99
C GLU B 139 -15.20 -3.40 -1.39
N GLU B 140 -15.49 -3.11 -0.12
CA GLU B 140 -16.60 -3.76 0.56
C GLU B 140 -17.93 -3.30 0.02
N ARG B 141 -18.01 -2.02 -0.37
CA ARG B 141 -19.21 -1.51 -1.01
C ARG B 141 -19.38 -2.26 -2.32
N VAL B 142 -18.27 -2.44 -3.03
CA VAL B 142 -18.28 -2.96 -4.39
C VAL B 142 -18.63 -4.44 -4.47
N LEU B 143 -18.20 -5.24 -3.50
CA LEU B 143 -18.57 -6.65 -3.45
C LEU B 143 -20.04 -6.80 -3.15
N ALA B 144 -20.52 -6.06 -2.16
CA ALA B 144 -21.92 -6.11 -1.82
C ALA B 144 -22.72 -5.76 -3.07
N ALA B 145 -22.57 -4.54 -3.57
CA ALA B 145 -23.35 -4.07 -4.71
C ALA B 145 -23.19 -4.94 -5.95
N SER B 146 -22.22 -5.86 -5.93
CA SER B 146 -22.02 -6.77 -7.05
C SER B 146 -22.75 -8.11 -6.88
N SER B 147 -23.44 -8.24 -5.76
CA SER B 147 -24.13 -9.48 -5.38
C SER B 147 -23.28 -10.74 -5.56
N PRO C 2 -10.34 -3.54 29.50
CA PRO C 2 -11.29 -3.15 28.45
C PRO C 2 -11.86 -4.35 27.70
N GLU C 3 -12.99 -4.14 27.04
CA GLU C 3 -13.73 -5.23 26.42
C GLU C 3 -14.05 -4.91 24.96
N VAL C 4 -14.05 -5.95 24.13
CA VAL C 4 -14.52 -5.85 22.75
C VAL C 4 -15.32 -7.10 22.37
N ARG C 5 -16.32 -6.93 21.50
CA ARG C 5 -17.05 -8.06 20.96
C ARG C 5 -17.46 -7.84 19.52
N ALA C 6 -17.26 -8.86 18.71
CA ALA C 6 -17.65 -8.83 17.32
C ALA C 6 -18.70 -9.92 17.09
N GLU C 7 -19.61 -9.66 16.17
CA GLU C 7 -20.68 -10.60 15.86
C GLU C 7 -20.79 -10.70 14.34
N ARG C 8 -20.88 -11.92 13.82
CA ARG C 8 -20.94 -12.10 12.38
C ARG C 8 -21.73 -13.33 11.96
N TYR C 9 -22.54 -13.15 10.92
CA TYR C 9 -23.37 -14.21 10.37
C TYR C 9 -22.62 -14.93 9.25
N ILE C 10 -22.55 -16.26 9.36
CA ILE C 10 -21.88 -17.06 8.33
C ILE C 10 -22.83 -18.13 7.79
N PRO C 11 -23.01 -18.14 6.46
CA PRO C 11 -23.89 -19.10 5.77
C PRO C 11 -23.38 -20.53 5.75
N ALA C 12 -23.52 -21.21 6.88
CA ALA C 12 -23.08 -22.59 7.01
C ALA C 12 -23.47 -23.10 8.39
N PRO C 13 -23.80 -24.39 8.49
CA PRO C 13 -24.18 -24.93 9.81
C PRO C 13 -23.13 -24.68 10.90
N PRO C 14 -23.59 -24.36 12.12
CA PRO C 14 -22.73 -24.09 13.28
C PRO C 14 -21.62 -25.13 13.52
N GLU C 15 -21.92 -26.41 13.33
CA GLU C 15 -20.93 -27.45 13.53
C GLU C 15 -19.75 -27.30 12.57
N ARG C 16 -20.06 -26.88 11.35
CA ARG C 16 -19.06 -26.69 10.32
C ARG C 16 -18.24 -25.44 10.57
N VAL C 17 -18.92 -24.36 10.93
CA VAL C 17 -18.20 -23.13 11.20
C VAL C 17 -17.34 -23.34 12.43
N TYR C 18 -17.88 -24.02 13.43
CA TYR C 18 -17.15 -24.25 14.66
C TYR C 18 -15.88 -25.04 14.38
N ARG C 19 -15.98 -26.05 13.51
CA ARG C 19 -14.87 -26.95 13.25
C ARG C 19 -13.76 -26.29 12.44
N LEU C 20 -14.15 -25.43 11.52
CA LEU C 20 -13.19 -24.70 10.72
C LEU C 20 -12.47 -23.64 11.54
N ALA C 21 -13.11 -23.13 12.59
CA ALA C 21 -12.48 -22.13 13.43
C ALA C 21 -11.50 -22.81 14.37
N LYS C 22 -11.73 -24.09 14.64
CA LYS C 22 -10.92 -24.83 15.58
C LYS C 22 -9.58 -25.24 14.96
N ASP C 23 -9.59 -25.44 13.65
CA ASP C 23 -8.34 -25.65 12.92
C ASP C 23 -7.69 -24.30 12.66
N LEU C 24 -7.00 -23.81 13.68
CA LEU C 24 -6.45 -22.47 13.68
C LEU C 24 -5.43 -22.30 12.56
N GLU C 25 -4.65 -23.34 12.29
CA GLU C 25 -3.59 -23.22 11.29
C GLU C 25 -4.19 -23.11 9.89
N GLY C 26 -5.35 -23.76 9.70
CA GLY C 26 -6.04 -23.65 8.42
C GLY C 26 -6.74 -22.30 8.31
N LEU C 27 -7.05 -21.71 9.45
CA LEU C 27 -7.74 -20.43 9.50
C LEU C 27 -6.73 -19.33 9.19
N LYS C 28 -5.48 -19.59 9.54
CA LYS C 28 -4.45 -18.56 9.60
C LYS C 28 -4.28 -17.71 8.33
N PRO C 29 -4.29 -18.34 7.14
CA PRO C 29 -4.13 -17.60 5.88
C PRO C 29 -5.22 -16.60 5.53
N TYR C 30 -6.35 -16.66 6.25
CA TYR C 30 -7.43 -15.72 6.00
C TYR C 30 -7.46 -14.59 7.04
N LEU C 31 -6.54 -14.65 8.00
CA LEU C 31 -6.40 -13.61 9.02
C LEU C 31 -5.33 -12.60 8.62
N LYS C 32 -5.73 -11.47 8.04
CA LYS C 32 -4.80 -10.59 7.36
C LYS C 32 -3.92 -9.83 8.35
N GLU C 33 -4.40 -9.70 9.59
CA GLU C 33 -3.68 -8.95 10.59
C GLU C 33 -2.81 -9.87 11.46
N VAL C 34 -2.84 -11.15 11.13
CA VAL C 34 -2.01 -12.13 11.81
C VAL C 34 -0.85 -12.56 10.93
N GLU C 35 0.37 -12.46 11.47
CA GLU C 35 1.58 -12.74 10.71
C GLU C 35 2.05 -14.16 10.94
N SER C 36 1.81 -14.69 12.14
CA SER C 36 2.18 -16.05 12.48
C SER C 36 1.23 -16.64 13.52
N LEU C 37 0.68 -17.82 13.23
CA LEU C 37 -0.11 -18.54 14.19
C LEU C 37 0.32 -19.99 14.18
N GLU C 38 0.98 -20.44 15.23
CA GLU C 38 1.44 -21.83 15.30
C GLU C 38 0.78 -22.54 16.49
N VAL C 39 0.14 -23.68 16.23
CA VAL C 39 -0.32 -24.54 17.31
C VAL C 39 0.86 -25.30 17.91
N VAL C 40 1.18 -24.97 19.16
CA VAL C 40 2.37 -25.49 19.83
C VAL C 40 2.02 -26.81 20.52
N ALA C 41 0.74 -26.95 20.84
CA ALA C 41 0.20 -28.17 21.43
C ALA C 41 -1.29 -28.32 21.11
N ARG C 42 -1.75 -29.56 21.03
CA ARG C 42 -3.17 -29.87 21.07
C ARG C 42 -3.45 -31.22 21.75
N GLU C 43 -4.51 -31.26 22.54
CA GLU C 43 -4.83 -32.46 23.30
C GLU C 43 -6.30 -32.46 23.72
N GLY C 44 -7.06 -33.40 23.17
CA GLY C 44 -8.49 -33.46 23.47
C GLY C 44 -9.21 -32.13 23.26
N ALA C 45 -9.60 -31.51 24.37
CA ALA C 45 -10.31 -30.23 24.31
C ALA C 45 -9.36 -29.03 24.24
N ARG C 46 -8.06 -29.28 24.35
CA ARG C 46 -7.09 -28.19 24.48
C ARG C 46 -6.16 -27.91 23.30
N THR C 47 -5.96 -26.63 23.01
CA THR C 47 -4.88 -26.19 22.14
C THR C 47 -4.03 -25.19 22.92
N ARG C 48 -2.73 -25.20 22.70
CA ARG C 48 -1.90 -24.03 22.97
C ARG C 48 -1.38 -23.51 21.65
N SER C 49 -1.46 -22.20 21.45
CA SER C 49 -0.95 -21.62 20.21
C SER C 49 -0.14 -20.34 20.46
N ARG C 50 0.75 -20.03 19.53
CA ARG C 50 1.61 -18.85 19.62
C ARG C 50 1.19 -17.89 18.51
N TRP C 51 0.71 -16.70 18.89
CA TRP C 51 0.24 -15.71 17.92
C TRP C 51 1.26 -14.59 17.76
N VAL C 52 1.39 -14.08 16.54
CA VAL C 52 2.07 -12.82 16.28
C VAL C 52 1.18 -11.99 15.37
N ALA C 53 0.64 -10.89 15.89
CA ALA C 53 -0.28 -10.05 15.15
C ALA C 53 0.39 -8.72 14.88
N VAL C 54 -0.07 -8.02 13.85
CA VAL C 54 0.42 -6.68 13.61
C VAL C 54 -0.67 -5.64 13.76
N ALA C 55 -0.35 -4.58 14.49
CA ALA C 55 -1.21 -3.42 14.59
C ALA C 55 -0.29 -2.22 14.49
N MSE C 56 -0.55 -1.38 13.50
CA MSE C 56 0.16 -0.12 13.37
C MSE C 56 1.65 -0.31 13.16
O MSE C 56 2.47 0.47 13.64
CB MSE C 56 -0.06 0.73 14.63
CG MSE C 56 -0.25 2.19 14.34
SE MSE C 56 -2.10 2.67 14.33
CE MSE C 56 -2.05 4.02 15.70
N GLY C 57 2.03 -1.37 12.45
CA GLY C 57 3.41 -1.50 12.01
C GLY C 57 4.33 -2.24 12.95
N LYS C 58 4.04 -2.22 14.25
CA LYS C 58 4.78 -3.05 15.19
C LYS C 58 3.99 -4.29 15.60
N LYS C 59 4.72 -5.36 15.92
CA LYS C 59 4.08 -6.62 16.21
C LYS C 59 3.78 -6.85 17.71
N VAL C 60 2.69 -7.57 17.96
CA VAL C 60 2.27 -7.93 19.30
C VAL C 60 2.23 -9.46 19.36
N ARG C 61 2.92 -10.04 20.35
CA ARG C 61 3.10 -11.48 20.43
C ARG C 61 2.52 -12.05 21.71
N TRP C 62 1.78 -13.15 21.61
CA TRP C 62 1.33 -13.83 22.82
C TRP C 62 1.15 -15.34 22.63
N LEU C 63 1.15 -16.05 23.73
CA LEU C 63 0.77 -17.45 23.72
C LEU C 63 -0.66 -17.52 24.21
N GLU C 64 -1.42 -18.44 23.63
CA GLU C 64 -2.87 -18.51 23.88
C GLU C 64 -3.26 -19.95 24.19
N GLU C 65 -4.02 -20.14 25.26
CA GLU C 65 -4.60 -21.45 25.56
C GLU C 65 -6.06 -21.39 25.17
N GLU C 66 -6.49 -22.31 24.30
CA GLU C 66 -7.92 -22.44 24.03
C GLU C 66 -8.48 -23.78 24.49
N GLU C 67 -9.61 -23.71 25.19
CA GLU C 67 -10.38 -24.89 25.56
C GLU C 67 -11.57 -24.99 24.61
N TRP C 68 -11.67 -26.13 23.94
CA TRP C 68 -12.71 -26.35 22.97
C TRP C 68 -13.81 -27.22 23.54
N ASP C 69 -15.05 -26.74 23.42
CA ASP C 69 -16.21 -27.52 23.84
C ASP C 69 -16.95 -28.04 22.61
N ASP C 70 -16.63 -29.25 22.20
CA ASP C 70 -17.16 -29.81 20.96
C ASP C 70 -18.65 -30.08 21.04
N GLU C 71 -19.12 -30.46 22.24
CA GLU C 71 -20.54 -30.72 22.46
C GLU C 71 -21.41 -29.50 22.17
N ASN C 72 -21.08 -28.36 22.77
CA ASN C 72 -21.93 -27.19 22.60
C ASN C 72 -21.43 -26.13 21.63
N LEU C 73 -20.35 -26.44 20.91
CA LEU C 73 -19.84 -25.55 19.87
C LEU C 73 -19.44 -24.20 20.46
N ARG C 74 -18.68 -24.24 21.55
CA ARG C 74 -18.12 -23.03 22.15
C ARG C 74 -16.64 -23.25 22.46
N ASN C 75 -15.93 -22.15 22.65
CA ASN C 75 -14.53 -22.26 23.03
C ASN C 75 -14.24 -21.18 24.07
N ARG C 76 -13.27 -21.43 24.94
CA ARG C 76 -12.77 -20.40 25.83
C ARG C 76 -11.25 -20.29 25.65
N PHE C 77 -10.73 -19.07 25.74
CA PHE C 77 -9.29 -18.87 25.58
C PHE C 77 -8.73 -17.86 26.56
N PHE C 78 -7.46 -18.00 26.88
CA PHE C 78 -6.76 -17.04 27.72
C PHE C 78 -5.28 -17.07 27.39
N SER C 79 -4.59 -15.95 27.61
CA SER C 79 -3.15 -15.92 27.41
C SER C 79 -2.42 -15.94 28.74
N PRO C 80 -1.60 -16.98 28.98
CA PRO C 80 -0.85 -17.10 30.23
C PRO C 80 0.46 -16.32 30.17
N GLU C 81 0.89 -15.97 28.95
CA GLU C 81 2.09 -15.17 28.78
C GLU C 81 2.17 -14.55 27.40
N GLY C 82 2.87 -13.43 27.32
CA GLY C 82 2.94 -12.70 26.07
C GLY C 82 2.94 -11.21 26.36
N ASP C 83 2.56 -10.40 25.38
CA ASP C 83 2.60 -8.95 25.50
C ASP C 83 1.43 -8.36 26.28
N PHE C 84 0.30 -9.07 26.28
CA PHE C 84 -0.84 -8.61 27.07
C PHE C 84 -0.70 -9.06 28.52
N ASP C 85 -1.16 -8.22 29.43
CA ASP C 85 -1.34 -8.65 30.81
C ASP C 85 -2.53 -9.59 30.89
N ARG C 86 -3.54 -9.32 30.06
CA ARG C 86 -4.74 -10.16 30.00
C ARG C 86 -5.23 -10.23 28.56
N TYR C 87 -5.51 -11.44 28.09
CA TYR C 87 -6.06 -11.63 26.75
C TYR C 87 -6.87 -12.91 26.75
N GLU C 88 -8.18 -12.76 26.81
CA GLU C 88 -9.09 -13.88 27.02
C GLU C 88 -10.51 -13.58 26.57
N GLY C 89 -11.29 -14.65 26.43
CA GLY C 89 -12.63 -14.47 25.93
C GLY C 89 -13.22 -15.77 25.50
N THR C 90 -14.21 -15.68 24.62
CA THR C 90 -14.94 -16.84 24.16
C THR C 90 -15.28 -16.69 22.66
N TRP C 91 -15.25 -17.81 21.94
CA TRP C 91 -15.90 -17.95 20.64
C TRP C 91 -17.14 -18.82 20.85
N VAL C 92 -18.29 -18.34 20.41
CA VAL C 92 -19.49 -19.17 20.45
C VAL C 92 -20.14 -19.18 19.08
N PHE C 93 -20.77 -20.31 18.75
CA PHE C 93 -21.36 -20.47 17.43
C PHE C 93 -22.85 -20.82 17.57
N LEU C 94 -23.70 -19.85 17.24
CA LEU C 94 -25.12 -19.97 17.52
C LEU C 94 -25.92 -20.21 16.24
N PRO C 95 -26.94 -21.09 16.33
CA PRO C 95 -27.77 -21.39 15.15
C PRO C 95 -28.67 -20.21 14.82
N GLU C 96 -28.75 -19.88 13.53
CA GLU C 96 -29.52 -18.73 13.08
C GLU C 96 -30.00 -18.97 11.65
N GLY C 97 -31.32 -19.12 11.49
CA GLY C 97 -31.91 -19.16 10.16
C GLY C 97 -31.24 -20.13 9.21
N GLU C 98 -30.91 -21.31 9.75
CA GLU C 98 -30.01 -22.26 9.10
C GLU C 98 -28.70 -21.65 8.62
N GLY C 99 -28.08 -20.91 9.54
CA GLY C 99 -26.70 -20.51 9.36
C GLY C 99 -26.08 -20.44 10.73
N THR C 100 -25.04 -19.62 10.86
CA THR C 100 -24.37 -19.46 12.13
C THR C 100 -24.25 -17.97 12.45
N ARG C 101 -24.59 -17.64 13.69
CA ARG C 101 -24.25 -16.35 14.30
C ARG C 101 -23.02 -16.59 15.15
N VAL C 102 -21.87 -16.10 14.72
CA VAL C 102 -20.65 -16.26 15.48
C VAL C 102 -20.45 -15.05 16.38
N VAL C 103 -20.21 -15.31 17.66
CA VAL C 103 -19.94 -14.24 18.61
C VAL C 103 -18.57 -14.40 19.23
N LEU C 104 -17.75 -13.37 19.11
CA LEU C 104 -16.40 -13.38 19.66
C LEU C 104 -16.25 -12.26 20.69
N THR C 105 -15.94 -12.64 21.92
CA THR C 105 -15.80 -11.68 23.01
C THR C 105 -14.40 -11.71 23.55
N LEU C 106 -13.79 -10.53 23.68
CA LEU C 106 -12.39 -10.41 24.07
C LEU C 106 -12.21 -9.39 25.18
N THR C 107 -11.73 -9.85 26.31
CA THR C 107 -11.29 -8.92 27.35
C THR C 107 -9.76 -8.93 27.33
N TYR C 108 -9.18 -7.74 27.24
CA TYR C 108 -7.73 -7.64 27.16
C TYR C 108 -7.24 -6.54 28.08
N GLU C 109 -5.99 -6.66 28.51
CA GLU C 109 -5.33 -5.56 29.21
C GLU C 109 -3.93 -5.44 28.69
N LEU C 110 -3.58 -4.24 28.24
CA LEU C 110 -2.26 -3.95 27.69
C LEU C 110 -1.65 -2.77 28.42
N THR C 111 -0.63 -3.01 29.23
CA THR C 111 0.06 -1.92 29.91
C THR C 111 1.04 -1.19 28.98
N ILE C 112 0.86 0.11 28.89
CA ILE C 112 1.68 0.97 28.04
C ILE C 112 2.33 2.05 28.89
N PRO C 113 3.67 2.05 28.94
CA PRO C 113 4.38 3.06 29.73
C PRO C 113 4.08 4.49 29.29
N ILE C 114 3.81 5.34 30.28
CA ILE C 114 3.63 6.78 30.09
C ILE C 114 2.29 7.17 29.45
N PHE C 115 1.85 6.41 28.46
CA PHE C 115 0.69 6.80 27.67
C PHE C 115 -0.52 5.95 27.95
N GLY C 116 -0.61 5.44 29.18
CA GLY C 116 -1.70 4.54 29.53
C GLY C 116 -3.08 5.09 29.22
N GLY C 117 -3.16 6.36 28.83
CA GLY C 117 -4.43 6.98 28.57
C GLY C 117 -4.51 7.68 27.23
N LEU C 118 -3.40 8.26 26.79
CA LEU C 118 -3.34 8.90 25.47
C LEU C 118 -3.73 7.91 24.35
N LEU C 119 -3.62 6.62 24.65
CA LEU C 119 -3.68 5.58 23.63
C LEU C 119 -4.76 4.53 23.89
N ARG C 120 -5.42 4.62 25.06
CA ARG C 120 -6.43 3.64 25.47
C ARG C 120 -7.54 3.43 24.43
N LYS C 121 -8.21 4.51 24.05
CA LYS C 121 -9.28 4.47 23.06
C LYS C 121 -8.73 3.97 21.72
N LEU C 122 -7.51 4.35 21.41
CA LEU C 122 -6.91 3.90 20.19
C LEU C 122 -6.74 2.38 20.23
N VAL C 123 -6.02 1.91 21.24
CA VAL C 123 -5.90 0.46 21.49
C VAL C 123 -7.23 -0.27 21.31
N GLN C 124 -8.32 0.33 21.76
CA GLN C 124 -9.59 -0.38 21.73
C GLN C 124 -10.18 -0.41 20.33
N LYS C 125 -9.80 0.56 19.50
CA LYS C 125 -10.24 0.52 18.11
C LYS C 125 -9.53 -0.62 17.42
N LEU C 126 -8.24 -0.76 17.70
CA LEU C 126 -7.44 -1.82 17.11
C LEU C 126 -8.02 -3.18 17.48
N MSE C 127 -8.32 -3.35 18.76
CA MSE C 127 -8.83 -4.62 19.23
C MSE C 127 -10.22 -4.92 18.66
O MSE C 127 -10.54 -6.07 18.36
CB MSE C 127 -8.85 -4.62 20.77
CG MSE C 127 -7.47 -4.50 21.44
SE MSE C 127 -6.22 -5.96 21.06
CE MSE C 127 -5.03 -4.96 19.89
N GLN C 128 -11.03 -3.88 18.46
CA GLN C 128 -12.31 -3.98 17.73
C GLN C 128 -12.08 -4.53 16.33
N GLU C 129 -11.08 -3.96 15.65
CA GLU C 129 -10.84 -4.31 14.26
C GLU C 129 -10.33 -5.72 14.22
N ASN C 130 -9.47 -6.05 15.18
CA ASN C 130 -8.91 -7.39 15.23
C ASN C 130 -9.97 -8.46 15.31
N VAL C 131 -10.90 -8.35 16.25
CA VAL C 131 -11.87 -9.42 16.41
C VAL C 131 -12.79 -9.48 15.20
N GLU C 132 -13.27 -8.33 14.76
CA GLU C 132 -14.05 -8.26 13.54
C GLU C 132 -13.31 -8.86 12.36
N SER C 133 -12.03 -8.51 12.22
CA SER C 133 -11.20 -9.12 11.20
C SER C 133 -11.09 -10.65 11.36
N LEU C 134 -11.04 -11.14 12.61
CA LEU C 134 -10.96 -12.58 12.89
C LEU C 134 -12.20 -13.31 12.38
N LEU C 135 -13.37 -12.73 12.63
CA LEU C 135 -14.62 -13.31 12.16
C LEU C 135 -14.70 -13.23 10.64
N LYS C 136 -14.21 -12.14 10.08
CA LYS C 136 -14.21 -11.98 8.62
C LYS C 136 -13.46 -13.16 8.00
N GLY C 137 -12.26 -13.40 8.53
CA GLY C 137 -11.41 -14.42 7.95
C GLY C 137 -12.04 -15.79 8.04
N LEU C 138 -12.61 -16.10 9.20
CA LEU C 138 -13.30 -17.38 9.39
C LEU C 138 -14.36 -17.56 8.31
N GLU C 139 -15.10 -16.49 8.03
CA GLU C 139 -16.10 -16.44 6.97
C GLU C 139 -15.52 -16.86 5.62
N GLU C 140 -14.47 -16.15 5.20
CA GLU C 140 -13.74 -16.54 4.00
C GLU C 140 -13.31 -18.00 4.03
N ARG C 141 -12.70 -18.41 5.14
CA ARG C 141 -12.23 -19.78 5.26
C ARG C 141 -13.35 -20.76 4.95
N VAL C 142 -14.51 -20.52 5.57
CA VAL C 142 -15.69 -21.38 5.43
C VAL C 142 -16.32 -21.34 4.04
N LEU C 143 -16.37 -20.16 3.41
CA LEU C 143 -16.92 -20.05 2.06
C LEU C 143 -15.97 -20.66 1.03
N ALA C 144 -14.67 -20.65 1.32
CA ALA C 144 -13.69 -21.31 0.47
C ALA C 144 -13.79 -22.83 0.60
N ALA C 145 -14.05 -23.31 1.82
CA ALA C 145 -14.15 -24.74 2.08
C ALA C 145 -15.47 -25.35 1.58
N SER C 146 -16.43 -24.51 1.22
CA SER C 146 -17.74 -24.99 0.76
C SER C 146 -17.73 -25.31 -0.74
N PRO D 2 10.56 1.82 10.13
CA PRO D 2 9.47 2.12 9.20
C PRO D 2 9.02 0.96 8.32
N GLU D 3 8.14 1.28 7.39
CA GLU D 3 7.19 0.32 6.84
C GLU D 3 6.99 0.55 5.35
N VAL D 4 7.19 -0.49 4.56
CA VAL D 4 6.91 -0.45 3.13
C VAL D 4 6.09 -1.70 2.75
N ARG D 5 5.19 -1.56 1.79
CA ARG D 5 4.52 -2.72 1.23
C ARG D 5 4.19 -2.55 -0.23
N ALA D 6 4.42 -3.61 -1.00
CA ALA D 6 4.15 -3.63 -2.42
C ALA D 6 3.14 -4.72 -2.70
N GLU D 7 2.31 -4.49 -3.71
CA GLU D 7 1.26 -5.43 -4.08
C GLU D 7 1.29 -5.58 -5.59
N ARG D 8 1.18 -6.81 -6.08
CA ARG D 8 1.31 -7.04 -7.50
C ARG D 8 0.52 -8.26 -7.94
N TYR D 9 -0.22 -8.13 -9.05
CA TYR D 9 -1.00 -9.25 -9.57
C TYR D 9 -0.18 -10.03 -10.59
N ILE D 10 -0.12 -11.34 -10.42
CA ILE D 10 0.61 -12.19 -11.36
C ILE D 10 -0.32 -13.24 -11.96
N PRO D 11 -0.35 -13.33 -13.31
CA PRO D 11 -1.18 -14.30 -14.03
C PRO D 11 -0.65 -15.72 -13.93
N ALA D 12 -0.89 -16.35 -12.78
CA ALA D 12 -0.49 -17.74 -12.54
C ALA D 12 -1.01 -18.19 -11.19
N PRO D 13 -1.38 -19.47 -11.05
CA PRO D 13 -1.90 -19.94 -9.76
C PRO D 13 -0.96 -19.68 -8.58
N PRO D 14 -1.53 -19.29 -7.41
CA PRO D 14 -0.77 -19.00 -6.20
C PRO D 14 0.31 -20.00 -5.81
N GLU D 15 0.03 -21.30 -5.98
CA GLU D 15 0.98 -22.34 -5.64
C GLU D 15 2.23 -22.24 -6.52
N ARG D 16 2.03 -21.87 -7.78
CA ARG D 16 3.12 -21.74 -8.75
C ARG D 16 3.93 -20.49 -8.44
N VAL D 17 3.23 -19.38 -8.20
CA VAL D 17 3.90 -18.12 -7.90
C VAL D 17 4.67 -18.28 -6.59
N TYR D 18 4.07 -18.94 -5.62
CA TYR D 18 4.73 -19.16 -4.33
C TYR D 18 6.02 -19.97 -4.51
N ARG D 19 5.95 -21.04 -5.27
CA ARG D 19 7.09 -21.94 -5.43
C ARG D 19 8.26 -21.29 -6.18
N LEU D 20 7.94 -20.45 -7.15
CA LEU D 20 8.94 -19.78 -7.94
C LEU D 20 9.61 -18.64 -7.14
N ALA D 21 8.88 -18.10 -6.17
CA ALA D 21 9.45 -17.09 -5.28
C ALA D 21 10.35 -17.74 -4.24
N LYS D 22 10.11 -19.02 -3.98
CA LYS D 22 10.82 -19.72 -2.90
C LYS D 22 12.21 -20.15 -3.38
N ASP D 23 12.31 -20.40 -4.68
CA ASP D 23 13.59 -20.71 -5.34
C ASP D 23 14.34 -19.41 -5.59
N LEU D 24 14.91 -18.88 -4.52
CA LEU D 24 15.49 -17.55 -4.52
C LEU D 24 16.59 -17.46 -5.56
N GLU D 25 17.39 -18.50 -5.70
CA GLU D 25 18.51 -18.47 -6.63
C GLU D 25 18.01 -18.42 -8.07
N GLY D 26 16.87 -19.06 -8.33
CA GLY D 26 16.27 -18.97 -9.64
C GLY D 26 15.58 -17.63 -9.86
N LEU D 27 15.19 -16.97 -8.78
CA LEU D 27 14.55 -15.66 -8.89
C LEU D 27 15.59 -14.56 -9.11
N LYS D 28 16.78 -14.75 -8.53
CA LYS D 28 17.82 -13.72 -8.49
C LYS D 28 18.10 -12.98 -9.81
N PRO D 29 18.25 -13.72 -10.93
CA PRO D 29 18.51 -13.05 -12.21
C PRO D 29 17.47 -12.03 -12.67
N TYR D 30 16.26 -12.07 -12.10
CA TYR D 30 15.22 -11.13 -12.48
C TYR D 30 15.10 -9.95 -11.53
N LEU D 31 15.95 -9.93 -10.50
CA LEU D 31 15.98 -8.82 -9.54
C LEU D 31 17.12 -7.87 -9.86
N LYS D 32 16.80 -6.77 -10.53
CA LYS D 32 17.84 -5.96 -11.14
C LYS D 32 18.60 -5.13 -10.13
N GLU D 33 18.01 -4.96 -8.95
CA GLU D 33 18.65 -4.17 -7.92
C GLU D 33 19.46 -5.05 -6.98
N VAL D 34 19.37 -6.36 -7.19
CA VAL D 34 20.17 -7.32 -6.44
C VAL D 34 21.41 -7.76 -7.21
N GLU D 35 22.56 -7.63 -6.55
CA GLU D 35 23.84 -7.95 -7.16
C GLU D 35 24.21 -9.40 -6.92
N SER D 36 23.87 -9.89 -5.73
CA SER D 36 24.21 -11.23 -5.33
C SER D 36 23.15 -11.74 -4.34
N LEU D 37 22.67 -12.95 -4.58
CA LEU D 37 21.79 -13.61 -3.62
C LEU D 37 22.18 -15.07 -3.56
N GLU D 38 22.73 -15.48 -2.43
CA GLU D 38 23.15 -16.86 -2.28
C GLU D 38 22.44 -17.53 -1.11
N VAL D 39 21.85 -18.70 -1.36
CA VAL D 39 21.24 -19.49 -0.29
C VAL D 39 22.35 -20.25 0.43
N VAL D 40 22.54 -19.91 1.70
CA VAL D 40 23.67 -20.38 2.49
C VAL D 40 23.33 -21.63 3.30
N ALA D 41 22.09 -21.69 3.78
CA ALA D 41 21.59 -22.89 4.41
C ALA D 41 20.18 -23.14 3.92
N ARG D 42 19.80 -24.42 3.88
CA ARG D 42 18.44 -24.81 3.56
C ARG D 42 18.15 -26.13 4.25
N GLU D 43 17.12 -26.14 5.10
CA GLU D 43 16.69 -27.36 5.75
C GLU D 43 15.25 -27.20 6.23
N GLY D 44 14.39 -28.13 5.82
CA GLY D 44 13.02 -28.11 6.27
C GLY D 44 12.20 -26.99 5.68
N ALA D 45 11.70 -26.11 6.55
CA ALA D 45 10.90 -24.96 6.15
C ALA D 45 11.71 -23.67 6.18
N ARG D 46 13.02 -23.80 6.31
CA ARG D 46 13.86 -22.64 6.53
C ARG D 46 14.91 -22.49 5.45
N THR D 47 15.13 -21.23 5.04
CA THR D 47 16.29 -20.85 4.22
C THR D 47 17.11 -19.86 5.02
N ARG D 48 18.42 -19.90 4.85
CA ARG D 48 19.24 -18.74 5.23
C ARG D 48 19.92 -18.26 3.94
N SER D 49 19.84 -16.97 3.66
CA SER D 49 20.42 -16.44 2.43
C SER D 49 21.21 -15.15 2.66
N ARG D 50 22.18 -14.91 1.79
CA ARG D 50 23.05 -13.74 1.88
C ARG D 50 22.75 -12.80 0.72
N TRP D 51 22.21 -11.62 1.03
CA TRP D 51 21.83 -10.63 0.02
C TRP D 51 22.88 -9.52 -0.12
N VAL D 52 23.12 -9.10 -1.36
CA VAL D 52 23.81 -7.85 -1.64
C VAL D 52 22.94 -7.08 -2.62
N ALA D 53 22.43 -5.94 -2.18
CA ALA D 53 21.60 -5.10 -3.04
C ALA D 53 22.35 -3.81 -3.32
N VAL D 54 21.96 -3.15 -4.41
CA VAL D 54 22.53 -1.83 -4.70
C VAL D 54 21.43 -0.78 -4.66
N ALA D 55 21.67 0.28 -3.90
CA ALA D 55 20.84 1.47 -3.97
C ALA D 55 21.77 2.68 -4.04
N MSE D 56 21.59 3.50 -5.07
CA MSE D 56 22.34 4.75 -5.21
C MSE D 56 23.86 4.53 -5.29
O MSE D 56 24.63 5.35 -4.79
CB MSE D 56 22.02 5.70 -4.06
CG MSE D 56 21.45 7.07 -4.51
SE MSE D 56 19.65 7.50 -3.90
CE MSE D 56 20.08 8.74 -2.50
N GLY D 57 24.27 3.42 -5.92
CA GLY D 57 25.67 3.24 -6.25
C GLY D 57 26.50 2.51 -5.21
N LYS D 58 26.14 2.65 -3.94
CA LYS D 58 26.78 1.88 -2.88
C LYS D 58 25.95 0.64 -2.55
N LYS D 59 26.61 -0.41 -2.08
CA LYS D 59 25.94 -1.66 -1.81
C LYS D 59 25.50 -1.81 -0.35
N VAL D 60 24.37 -2.48 -0.17
CA VAL D 60 23.83 -2.81 1.15
C VAL D 60 23.79 -4.33 1.30
N ARG D 61 24.42 -4.85 2.36
CA ARG D 61 24.59 -6.29 2.52
C ARG D 61 23.88 -6.78 3.79
N TRP D 62 23.18 -7.92 3.70
CA TRP D 62 22.61 -8.57 4.89
C TRP D 62 22.40 -10.06 4.71
N LEU D 63 22.25 -10.75 5.84
CA LEU D 63 21.89 -12.15 5.86
C LEU D 63 20.41 -12.17 6.22
N GLU D 64 19.66 -13.06 5.57
CA GLU D 64 18.23 -13.12 5.76
C GLU D 64 17.83 -14.55 6.09
N GLU D 65 17.00 -14.71 7.12
CA GLU D 65 16.37 -16.00 7.43
C GLU D 65 14.94 -15.93 6.94
N GLU D 66 14.54 -16.88 6.10
CA GLU D 66 13.16 -16.97 5.69
C GLU D 66 12.54 -18.29 6.15
N GLU D 67 11.36 -18.18 6.75
CA GLU D 67 10.54 -19.32 7.11
C GLU D 67 9.40 -19.51 6.10
N TRP D 68 9.38 -20.67 5.45
CA TRP D 68 8.40 -20.94 4.40
C TRP D 68 7.23 -21.77 4.91
N ASP D 69 6.04 -21.26 4.68
CA ASP D 69 4.82 -21.98 5.01
C ASP D 69 4.21 -22.53 3.74
N ASP D 70 4.53 -23.78 3.42
CA ASP D 70 4.09 -24.37 2.16
C ASP D 70 2.59 -24.60 2.13
N GLU D 71 2.02 -24.94 3.29
CA GLU D 71 0.59 -25.21 3.39
C GLU D 71 -0.24 -23.99 3.00
N ASN D 72 0.10 -22.83 3.57
CA ASN D 72 -0.69 -21.62 3.37
C ASN D 72 -0.10 -20.61 2.37
N LEU D 73 0.96 -21.02 1.68
CA LEU D 73 1.55 -20.20 0.62
C LEU D 73 1.95 -18.82 1.13
N ARG D 74 2.62 -18.79 2.27
CA ARG D 74 3.18 -17.55 2.82
C ARG D 74 4.58 -17.80 3.33
N ASN D 75 5.33 -16.71 3.55
CA ASN D 75 6.65 -16.82 4.14
C ASN D 75 6.84 -15.69 5.15
N ARG D 76 7.79 -15.87 6.04
CA ARG D 76 8.21 -14.76 6.89
C ARG D 76 9.72 -14.73 6.92
N PHE D 77 10.28 -13.53 6.99
CA PHE D 77 11.72 -13.37 6.94
C PHE D 77 12.20 -12.34 7.95
N PHE D 78 13.42 -12.51 8.44
CA PHE D 78 14.05 -11.48 9.25
C PHE D 78 15.57 -11.54 9.03
N SER D 79 16.25 -10.43 9.29
CA SER D 79 17.69 -10.40 9.15
C SER D 79 18.32 -10.37 10.53
N PRO D 80 19.07 -11.43 10.87
CA PRO D 80 19.72 -11.52 12.18
C PRO D 80 21.04 -10.74 12.20
N GLU D 81 21.60 -10.46 11.03
CA GLU D 81 22.81 -9.68 10.92
C GLU D 81 23.03 -9.14 9.51
N GLY D 82 23.78 -8.05 9.42
CA GLY D 82 23.98 -7.35 8.17
C GLY D 82 23.93 -5.85 8.40
N ASP D 83 23.68 -5.09 7.34
CA ASP D 83 23.71 -3.63 7.41
C ASP D 83 22.47 -2.99 8.04
N PHE D 84 21.35 -3.72 8.06
CA PHE D 84 20.12 -3.20 8.66
C PHE D 84 20.08 -3.57 10.14
N ASP D 85 19.60 -2.67 10.97
CA ASP D 85 19.32 -3.00 12.38
C ASP D 85 18.12 -3.94 12.39
N ARG D 86 17.23 -3.75 11.41
CA ARG D 86 16.01 -4.53 11.30
C ARG D 86 15.63 -4.63 9.82
N TYR D 87 15.32 -5.85 9.38
CA TYR D 87 14.91 -6.09 8.01
C TYR D 87 14.08 -7.36 8.02
N GLU D 88 12.76 -7.20 7.99
CA GLU D 88 11.86 -8.32 8.22
C GLU D 88 10.51 -8.05 7.58
N GLY D 89 9.77 -9.11 7.32
CA GLY D 89 8.44 -8.94 6.77
C GLY D 89 7.85 -10.24 6.31
N THR D 90 6.92 -10.14 5.37
CA THR D 90 6.20 -11.31 4.90
C THR D 90 5.99 -11.25 3.39
N TRP D 91 6.07 -12.40 2.74
CA TRP D 91 5.51 -12.54 1.41
C TRP D 91 4.26 -13.37 1.55
N VAL D 92 3.14 -12.89 1.04
CA VAL D 92 1.94 -13.71 0.98
C VAL D 92 1.41 -13.78 -0.45
N PHE D 93 0.81 -14.92 -0.77
CA PHE D 93 0.33 -15.16 -2.12
C PHE D 93 -1.14 -15.51 -2.08
N LEU D 94 -1.97 -14.58 -2.54
CA LEU D 94 -3.41 -14.70 -2.42
C LEU D 94 -4.07 -15.04 -3.75
N PRO D 95 -4.97 -16.02 -3.74
CA PRO D 95 -5.65 -16.39 -4.99
C PRO D 95 -6.51 -15.22 -5.45
N GLU D 96 -6.43 -14.90 -6.74
CA GLU D 96 -7.17 -13.77 -7.30
C GLU D 96 -7.69 -14.11 -8.68
N GLY D 97 -8.96 -14.45 -8.77
CA GLY D 97 -9.47 -15.01 -10.01
C GLY D 97 -8.62 -16.22 -10.40
N GLU D 98 -8.05 -16.20 -11.60
CA GLU D 98 -7.22 -17.31 -12.05
C GLU D 98 -5.84 -17.31 -11.42
N GLY D 99 -5.38 -16.13 -11.00
CA GLY D 99 -3.99 -15.96 -10.61
C GLY D 99 -3.73 -15.52 -9.18
N THR D 100 -2.65 -14.77 -9.01
CA THR D 100 -2.15 -14.47 -7.67
C THR D 100 -2.00 -12.98 -7.43
N ARG D 101 -2.51 -12.55 -6.27
CA ARG D 101 -2.21 -11.23 -5.72
C ARG D 101 -1.09 -11.41 -4.72
N VAL D 102 0.12 -10.98 -5.09
CA VAL D 102 1.26 -11.09 -4.20
C VAL D 102 1.39 -9.84 -3.33
N VAL D 103 1.51 -10.04 -2.02
CA VAL D 103 1.70 -8.93 -1.10
C VAL D 103 3.00 -9.05 -0.33
N LEU D 104 3.83 -8.02 -0.43
CA LEU D 104 5.15 -8.01 0.17
C LEU D 104 5.24 -6.89 1.17
N THR D 105 5.41 -7.25 2.44
CA THR D 105 5.48 -6.25 3.51
C THR D 105 6.86 -6.25 4.16
N LEU D 106 7.47 -5.07 4.28
CA LEU D 106 8.84 -4.93 4.79
C LEU D 106 8.95 -3.87 5.88
N THR D 107 9.28 -4.30 7.08
CA THR D 107 9.68 -3.37 8.13
C THR D 107 11.20 -3.36 8.24
N TYR D 108 11.81 -2.19 8.12
CA TYR D 108 13.26 -2.08 8.17
C TYR D 108 13.66 -0.97 9.13
N GLU D 109 14.87 -1.07 9.67
CA GLU D 109 15.51 0.06 10.32
C GLU D 109 16.98 0.16 9.92
N LEU D 110 17.36 1.34 9.43
CA LEU D 110 18.72 1.59 8.95
C LEU D 110 19.30 2.79 9.68
N THR D 111 20.21 2.57 10.61
CA THR D 111 20.85 3.70 11.27
C THR D 111 21.93 4.35 10.40
N ILE D 112 21.78 5.65 10.22
CA ILE D 112 22.70 6.43 9.41
C ILE D 112 23.31 7.52 10.27
N PRO D 113 24.64 7.50 10.42
CA PRO D 113 25.37 8.49 11.22
C PRO D 113 25.26 9.93 10.75
N ILE D 114 25.53 10.83 11.68
CA ILE D 114 25.51 12.26 11.44
C ILE D 114 24.10 12.68 11.06
N PHE D 115 23.39 11.85 10.31
CA PHE D 115 22.08 12.23 9.81
C PHE D 115 20.92 11.54 10.55
N GLY D 116 21.22 10.49 11.30
CA GLY D 116 20.17 9.73 11.96
C GLY D 116 19.01 9.42 11.01
N GLY D 117 17.80 9.71 11.45
CA GLY D 117 16.64 9.53 10.60
C GLY D 117 16.34 10.74 9.74
N LEU D 118 17.30 11.66 9.63
CA LEU D 118 17.12 12.87 8.84
C LEU D 118 17.00 12.56 7.34
N LEU D 119 17.35 11.34 6.96
CA LEU D 119 17.24 10.89 5.57
C LEU D 119 16.17 9.79 5.44
N ARG D 120 15.27 9.74 6.41
CA ARG D 120 14.24 8.69 6.45
C ARG D 120 13.39 8.65 5.18
N LYS D 121 12.83 9.78 4.81
CA LYS D 121 11.89 9.80 3.70
C LYS D 121 12.59 9.28 2.45
N LEU D 122 13.86 9.58 2.31
CA LEU D 122 14.63 9.08 1.17
C LEU D 122 14.88 7.56 1.27
N VAL D 123 15.29 7.09 2.45
CA VAL D 123 15.45 5.66 2.64
C VAL D 123 14.13 4.96 2.28
N GLN D 124 13.01 5.52 2.74
CA GLN D 124 11.70 4.94 2.44
C GLN D 124 11.47 4.79 0.95
N LYS D 125 11.66 5.88 0.21
CA LYS D 125 11.46 5.87 -1.22
C LYS D 125 12.25 4.72 -1.81
N LEU D 126 13.46 4.52 -1.28
CA LEU D 126 14.33 3.48 -1.78
C LEU D 126 13.81 2.08 -1.43
N MSE D 127 13.26 1.93 -0.24
CA MSE D 127 12.76 0.63 0.20
C MSE D 127 11.45 0.27 -0.53
O MSE D 127 11.17 -0.90 -0.78
CB MSE D 127 12.57 0.61 1.71
CG MSE D 127 13.88 0.71 2.51
SE MSE D 127 15.08 -0.81 2.23
CE MSE D 127 16.16 -0.09 0.80
N GLN D 128 10.67 1.29 -0.87
CA GLN D 128 9.49 1.09 -1.70
C GLN D 128 9.90 0.54 -3.05
N GLU D 129 10.90 1.15 -3.67
CA GLU D 129 11.36 0.69 -4.97
C GLU D 129 12.00 -0.69 -4.89
N ASN D 130 12.59 -1.01 -3.74
CA ASN D 130 13.06 -2.36 -3.45
C ASN D 130 11.92 -3.38 -3.56
N VAL D 131 10.93 -3.28 -2.68
CA VAL D 131 9.89 -4.30 -2.65
C VAL D 131 9.14 -4.35 -3.99
N GLU D 132 8.83 -3.18 -4.55
CA GLU D 132 8.13 -3.10 -5.83
C GLU D 132 8.91 -3.79 -6.95
N SER D 133 10.19 -3.50 -7.02
CA SER D 133 11.04 -4.14 -8.03
C SER D 133 11.13 -5.65 -7.83
N LEU D 134 11.05 -6.11 -6.58
CA LEU D 134 11.15 -7.54 -6.30
C LEU D 134 9.95 -8.25 -6.91
N LEU D 135 8.77 -7.65 -6.76
CA LEU D 135 7.55 -8.23 -7.32
C LEU D 135 7.55 -8.14 -8.85
N LYS D 136 8.05 -7.04 -9.38
CA LYS D 136 8.34 -6.93 -10.81
C LYS D 136 9.14 -8.16 -11.23
N GLY D 137 10.25 -8.38 -10.55
CA GLY D 137 11.12 -9.48 -10.87
C GLY D 137 10.40 -10.82 -10.80
N LEU D 138 9.58 -11.01 -9.77
CA LEU D 138 8.94 -12.30 -9.58
C LEU D 138 7.98 -12.58 -10.72
N GLU D 139 7.22 -11.55 -11.10
CA GLU D 139 6.32 -11.61 -12.24
C GLU D 139 7.09 -12.00 -13.49
N GLU D 140 8.29 -11.45 -13.64
CA GLU D 140 9.15 -11.79 -14.77
C GLU D 140 9.51 -13.27 -14.76
N ARG D 141 9.95 -13.77 -13.61
CA ARG D 141 10.35 -15.18 -13.53
C ARG D 141 9.19 -16.07 -13.93
N VAL D 142 7.99 -15.74 -13.46
CA VAL D 142 6.84 -16.59 -13.66
C VAL D 142 6.48 -16.66 -15.14
N LEU D 143 6.82 -15.61 -15.88
CA LEU D 143 6.50 -15.56 -17.30
C LEU D 143 7.40 -16.51 -18.07
N ALA D 144 8.70 -16.40 -17.81
CA ALA D 144 9.66 -17.31 -18.40
C ALA D 144 9.29 -18.77 -18.15
N ALA D 145 8.70 -19.05 -16.98
CA ALA D 145 8.51 -20.43 -16.53
C ALA D 145 7.22 -21.08 -17.00
N SER D 146 6.19 -20.27 -17.24
CA SER D 146 4.82 -20.77 -17.38
C SER D 146 4.55 -21.38 -18.75
N SER D 147 4.56 -20.53 -19.75
CA SER D 147 4.47 -20.97 -21.14
C SER D 147 5.75 -20.52 -21.84
S SO4 E . -6.30 -5.67 3.76
O1 SO4 E . -5.57 -4.60 3.12
O2 SO4 E . -6.61 -6.64 2.74
O3 SO4 E . -7.55 -5.18 4.26
O4 SO4 E . -5.57 -6.26 4.83
#